data_5TZP
#
_entry.id   5TZP
#
_cell.length_a   47.848
_cell.length_b   47.848
_cell.length_c   74.303
_cell.angle_alpha   90.00
_cell.angle_beta   90.00
_cell.angle_gamma   90.00
#
_symmetry.space_group_name_H-M   'P 43'
#
loop_
_entity.id
_entity.type
_entity.pdbx_description
1 polymer 'Bcl-2-like protein FPV039'
2 polymer Bik
3 non-polymer 1,2-ETHANEDIOL
4 non-polymer 'SULFATE ION'
5 water water
#
loop_
_entity_poly.entity_id
_entity_poly.type
_entity_poly.pdbx_seq_one_letter_code
_entity_poly.pdbx_strand_id
1 'polypeptide(L)'
;GPLGSMASSNMKDETYYIALNMIQNYIIEYNTNKPRKSFVIDSISYDVLKAACKSVIKTNYNEFDIIISRNIDFNVIVTQ
VLEDKINWGRIITIIAFCAYYSKKVKQDTSPQYYDGIISEAITDAILSKYRSWFIDQDYWNGIRIYKN
;
A
2 'polypeptide(L)' ISSAIQVGHQLALIGDEFNRAYSRK B
#
loop_
_chem_comp.id
_chem_comp.type
_chem_comp.name
_chem_comp.formula
EDO non-polymer 1,2-ETHANEDIOL 'C2 H6 O2'
SO4 non-polymer 'SULFATE ION' 'O4 S -2'
#
# COMPACT_ATOMS: atom_id res chain seq x y z
N MET A 11 15.23 8.52 -9.78
CA MET A 11 14.43 9.13 -10.85
C MET A 11 13.27 8.26 -11.35
N LYS A 12 12.49 8.84 -12.27
CA LYS A 12 11.32 8.16 -12.83
C LYS A 12 11.76 7.34 -14.05
N ASP A 13 12.41 6.21 -13.75
CA ASP A 13 12.88 5.28 -14.75
C ASP A 13 11.93 4.09 -14.83
N GLU A 14 12.37 3.00 -15.48
CA GLU A 14 11.51 1.85 -15.68
C GLU A 14 11.11 1.25 -14.35
N THR A 15 12.05 1.16 -13.43
CA THR A 15 11.75 0.60 -12.12
C THR A 15 10.66 1.40 -11.42
N TYR A 16 10.80 2.73 -11.46
CA TYR A 16 9.78 3.59 -10.90
C TYR A 16 8.41 3.30 -11.46
N TYR A 17 8.28 3.18 -12.79
CA TYR A 17 6.96 2.90 -13.38
C TYR A 17 6.48 1.52 -13.11
N ILE A 18 7.39 0.54 -13.00
CA ILE A 18 6.95 -0.82 -12.62
C ILE A 18 6.29 -0.80 -11.24
N ALA A 19 6.89 -0.04 -10.31
CA ALA A 19 6.28 0.10 -8.98
C ALA A 19 4.98 0.89 -9.04
N LEU A 20 5.04 2.09 -9.61
CA LEU A 20 3.89 3.00 -9.60
C LEU A 20 2.69 2.38 -10.29
N ASN A 21 2.89 1.79 -11.47
CA ASN A 21 1.74 1.31 -12.25
C ASN A 21 0.98 0.21 -11.51
N MET A 22 1.67 -0.67 -10.78
CA MET A 22 1.00 -1.69 -9.98
C MET A 22 0.21 -1.08 -8.85
N ILE A 23 0.84 -0.20 -8.08
CA ILE A 23 0.19 0.40 -6.93
C ILE A 23 -1.02 1.23 -7.35
N GLN A 24 -0.85 2.11 -8.33
CA GLN A 24 -1.93 3.01 -8.73
C GLN A 24 -3.09 2.26 -9.35
N ASN A 25 -2.82 1.22 -10.18
CA ASN A 25 -3.93 0.41 -10.70
C ASN A 25 -4.69 -0.27 -9.57
N TYR A 26 -4.02 -0.81 -8.54
CA TYR A 26 -4.73 -1.44 -7.43
C TYR A 26 -5.63 -0.40 -6.74
N ILE A 27 -5.09 0.79 -6.46
CA ILE A 27 -5.88 1.79 -5.74
C ILE A 27 -7.08 2.21 -6.59
N ILE A 28 -6.90 2.34 -7.91
CA ILE A 28 -8.03 2.60 -8.81
C ILE A 28 -9.08 1.49 -8.72
N GLU A 29 -8.66 0.24 -8.76
CA GLU A 29 -9.60 -0.86 -8.66
C GLU A 29 -10.37 -0.82 -7.33
N TYR A 30 -9.66 -0.59 -6.25
CA TYR A 30 -10.28 -0.56 -4.92
C TYR A 30 -11.34 0.52 -4.87
N ASN A 31 -11.05 1.70 -5.45
CA ASN A 31 -11.97 2.83 -5.39
C ASN A 31 -13.14 2.68 -6.31
N THR A 32 -12.94 2.10 -7.48
CA THR A 32 -13.96 2.12 -8.52
C THR A 32 -14.71 0.81 -8.70
N ASN A 33 -14.18 -0.29 -8.13
CA ASN A 33 -14.77 -1.63 -8.31
C ASN A 33 -14.81 -2.04 -9.76
N LYS A 34 -13.82 -1.62 -10.52
CA LYS A 34 -13.63 -2.06 -11.88
C LYS A 34 -12.29 -2.76 -11.98
N PRO A 35 -12.23 -3.89 -12.69
CA PRO A 35 -11.00 -4.68 -12.74
C PRO A 35 -9.87 -3.93 -13.43
N ARG A 36 -8.71 -3.89 -12.78
CA ARG A 36 -7.58 -3.21 -13.39
C ARG A 36 -6.41 -4.15 -13.71
N LYS A 37 -6.54 -5.48 -13.48
CA LYS A 37 -5.43 -6.41 -13.78
C LYS A 37 -4.96 -6.32 -15.23
N SER A 38 -5.80 -6.00 -16.18
CA SER A 38 -5.32 -5.96 -17.56
C SER A 38 -4.49 -4.74 -17.89
N PHE A 39 -4.35 -3.81 -16.97
CA PHE A 39 -3.56 -2.64 -17.20
C PHE A 39 -2.17 -2.74 -16.65
N VAL A 40 -1.83 -3.84 -16.00
CA VAL A 40 -0.48 -4.06 -15.45
C VAL A 40 0.24 -5.14 -16.23
N ILE A 41 1.57 -5.15 -16.14
CA ILE A 41 2.32 -6.18 -16.83
C ILE A 41 2.19 -7.53 -16.11
N ASP A 42 2.36 -7.55 -14.78
CA ASP A 42 2.46 -8.76 -13.98
C ASP A 42 1.11 -9.03 -13.32
N SER A 43 0.24 -9.69 -14.09
CA SER A 43 -1.12 -9.93 -13.60
CA SER A 43 -1.13 -9.91 -13.58
C SER A 43 -1.16 -10.95 -12.45
N ILE A 44 -0.28 -11.93 -12.48
CA ILE A 44 -0.26 -12.91 -11.40
C ILE A 44 0.09 -12.23 -10.10
N SER A 45 1.11 -11.38 -10.11
CA SER A 45 1.46 -10.71 -8.88
C SER A 45 0.41 -9.66 -8.46
N TYR A 46 -0.24 -9.04 -9.44
CA TYR A 46 -1.35 -8.12 -9.13
C TYR A 46 -2.41 -8.88 -8.37
N ASP A 47 -2.79 -10.06 -8.82
CA ASP A 47 -3.85 -10.80 -8.13
C ASP A 47 -3.43 -11.19 -6.73
N VAL A 48 -2.15 -11.48 -6.53
CA VAL A 48 -1.66 -11.74 -5.17
C VAL A 48 -1.77 -10.50 -4.30
N LEU A 49 -1.31 -9.36 -4.82
CA LEU A 49 -1.43 -8.08 -4.11
C LEU A 49 -2.88 -7.81 -3.72
N LYS A 50 -3.79 -7.93 -4.67
CA LYS A 50 -5.18 -7.62 -4.43
C LYS A 50 -5.74 -8.50 -3.33
N ALA A 51 -5.49 -9.80 -3.38
CA ALA A 51 -6.00 -10.74 -2.36
C ALA A 51 -5.41 -10.44 -0.98
N ALA A 52 -4.12 -10.08 -0.94
CA ALA A 52 -3.43 -9.83 0.33
C ALA A 52 -3.97 -8.52 0.92
N CYS A 53 -4.18 -7.49 0.10
CA CYS A 53 -4.73 -6.24 0.62
C CYS A 53 -6.13 -6.45 1.12
N LYS A 54 -6.93 -7.23 0.41
CA LYS A 54 -8.29 -7.53 0.84
C LYS A 54 -8.25 -8.19 2.21
N SER A 55 -7.30 -9.09 2.45
CA SER A 55 -7.19 -9.75 3.73
C SER A 55 -6.83 -8.75 4.83
N VAL A 56 -5.86 -7.93 4.59
CA VAL A 56 -5.43 -6.90 5.57
C VAL A 56 -6.61 -6.00 5.92
N ILE A 57 -7.34 -5.53 4.91
CA ILE A 57 -8.48 -4.64 5.16
C ILE A 57 -9.55 -5.37 5.94
N LYS A 58 -9.89 -6.59 5.57
CA LYS A 58 -10.96 -7.31 6.29
C LYS A 58 -10.57 -7.51 7.74
N THR A 59 -9.30 -7.75 8.04
CA THR A 59 -8.84 -8.05 9.39
C THR A 59 -8.72 -6.78 10.22
N ASN A 60 -8.42 -5.63 9.64
CA ASN A 60 -7.97 -4.46 10.37
C ASN A 60 -8.72 -3.20 10.11
N TYR A 61 -9.83 -3.26 9.35
CA TYR A 61 -10.48 -2.00 8.99
C TYR A 61 -10.94 -1.20 10.20
N ASN A 62 -11.36 -1.83 11.30
CA ASN A 62 -11.78 -1.03 12.45
C ASN A 62 -10.63 -0.26 13.08
N GLU A 63 -9.44 -0.86 13.05
CA GLU A 63 -8.27 -0.14 13.53
C GLU A 63 -7.91 1.00 12.59
N PHE A 64 -8.00 0.73 11.29
CA PHE A 64 -7.74 1.75 10.30
C PHE A 64 -8.70 2.92 10.49
N ASP A 65 -9.96 2.62 10.84
CA ASP A 65 -10.93 3.66 11.03
C ASP A 65 -10.51 4.60 12.17
N ILE A 66 -10.04 4.03 13.28
CA ILE A 66 -9.58 4.91 14.35
C ILE A 66 -8.37 5.74 13.90
N ILE A 67 -7.44 5.11 13.22
CA ILE A 67 -6.23 5.82 12.74
C ILE A 67 -6.64 7.00 11.87
N ILE A 68 -7.55 6.75 10.95
CA ILE A 68 -7.90 7.81 9.98
C ILE A 68 -8.75 8.93 10.59
N SER A 69 -9.34 8.69 11.78
CA SER A 69 -10.14 9.75 12.39
C SER A 69 -9.33 10.91 12.98
N ARG A 70 -8.05 10.79 12.95
CA ARG A 70 -7.18 11.81 13.54
C ARG A 70 -6.54 12.70 12.48
N ASN A 71 -5.75 13.68 12.90
CA ASN A 71 -5.26 14.69 11.94
C ASN A 71 -3.97 14.20 11.26
N ILE A 72 -4.12 13.34 10.40
CA ILE A 72 -3.00 12.46 9.94
C ILE A 72 -2.43 12.99 8.61
N ASP A 73 -1.16 12.73 8.38
CA ASP A 73 -0.61 12.85 7.02
C ASP A 73 -0.20 11.47 6.57
N PHE A 74 -0.84 10.98 5.50
CA PHE A 74 -0.58 9.64 5.07
C PHE A 74 0.86 9.43 4.66
N ASN A 75 1.57 10.47 4.20
CA ASN A 75 2.93 10.29 3.75
C ASN A 75 3.86 10.08 4.94
N VAL A 76 3.57 10.72 6.04
CA VAL A 76 4.32 10.43 7.28
C VAL A 76 4.13 8.99 7.71
N ILE A 77 2.89 8.50 7.62
CA ILE A 77 2.62 7.10 7.98
C ILE A 77 3.46 6.17 7.11
N VAL A 78 3.42 6.39 5.79
CA VAL A 78 4.14 5.51 4.85
C VAL A 78 5.63 5.52 5.13
N THR A 79 6.21 6.71 5.30
CA THR A 79 7.64 6.79 5.53
C THR A 79 8.02 6.20 6.90
N GLN A 80 7.15 6.34 7.90
CA GLN A 80 7.45 5.69 9.18
C GLN A 80 7.61 4.19 9.00
N VAL A 81 6.68 3.56 8.28
CA VAL A 81 6.74 2.10 8.16
C VAL A 81 8.08 1.67 7.58
N LEU A 82 8.57 2.38 6.57
CA LEU A 82 9.76 2.02 5.81
C LEU A 82 11.03 2.71 6.24
N GLU A 83 11.07 3.36 7.41
CA GLU A 83 12.25 4.13 7.75
C GLU A 83 13.50 3.27 7.86
N ASP A 84 13.36 2.07 8.45
CA ASP A 84 14.51 1.24 8.80
C ASP A 84 14.56 -0.09 8.08
N LYS A 85 13.42 -0.64 7.68
CA LYS A 85 13.45 -1.88 6.94
C LYS A 85 12.21 -2.07 6.11
N ILE A 86 12.35 -2.89 5.06
CA ILE A 86 11.23 -3.22 4.18
C ILE A 86 11.04 -4.74 4.18
N ASN A 87 9.80 -5.18 3.97
CA ASN A 87 9.46 -6.56 3.66
C ASN A 87 8.12 -6.55 2.96
N TRP A 88 7.70 -7.65 2.40
CA TRP A 88 6.49 -7.67 1.63
C TRP A 88 5.25 -7.48 2.48
N GLY A 89 5.21 -7.95 3.73
CA GLY A 89 4.06 -7.67 4.57
C GLY A 89 3.87 -6.19 4.83
N ARG A 90 4.97 -5.49 5.03
CA ARG A 90 4.95 -4.04 5.22
C ARG A 90 4.42 -3.34 3.98
N ILE A 91 4.92 -3.74 2.81
CA ILE A 91 4.48 -3.16 1.52
C ILE A 91 3.00 -3.40 1.36
N ILE A 92 2.54 -4.62 1.57
CA ILE A 92 1.12 -4.95 1.42
C ILE A 92 0.31 -4.12 2.40
N THR A 93 0.76 -3.99 3.64
CA THR A 93 -0.01 -3.26 4.62
C THR A 93 -0.09 -1.78 4.27
N ILE A 94 1.00 -1.18 3.82
CA ILE A 94 1.01 0.22 3.34
C ILE A 94 0.02 0.39 2.22
N ILE A 95 0.03 -0.48 1.21
CA ILE A 95 -0.85 -0.33 0.07
C ILE A 95 -2.29 -0.53 0.50
N ALA A 96 -2.54 -1.53 1.32
CA ALA A 96 -3.90 -1.80 1.81
C ALA A 96 -4.46 -0.60 2.61
N PHE A 97 -3.69 -0.12 3.56
CA PHE A 97 -4.08 1.04 4.36
C PHE A 97 -4.34 2.23 3.43
N CYS A 98 -3.44 2.51 2.53
CA CYS A 98 -3.55 3.68 1.68
C CYS A 98 -4.71 3.55 0.71
N ALA A 99 -5.01 2.36 0.17
CA ALA A 99 -6.22 2.18 -0.62
C ALA A 99 -7.46 2.47 0.20
N TYR A 100 -7.53 1.87 1.40
CA TYR A 100 -8.65 2.07 2.29
C TYR A 100 -8.84 3.55 2.60
N TYR A 101 -7.74 4.24 2.91
CA TYR A 101 -7.71 5.66 3.20
C TYR A 101 -8.22 6.45 2.00
N SER A 102 -7.68 6.17 0.82
CA SER A 102 -8.06 6.91 -0.39
CA SER A 102 -8.06 6.95 -0.36
C SER A 102 -9.57 6.94 -0.59
N LYS A 103 -10.22 5.81 -0.38
CA LYS A 103 -11.66 5.75 -0.55
CA LYS A 103 -11.66 5.75 -0.55
C LYS A 103 -12.37 6.56 0.52
N LYS A 104 -11.85 6.56 1.75
CA LYS A 104 -12.47 7.31 2.82
C LYS A 104 -12.37 8.82 2.62
N VAL A 105 -11.31 9.31 1.99
CA VAL A 105 -11.06 10.74 1.83
C VAL A 105 -11.50 11.25 0.45
N LYS A 106 -12.13 10.43 -0.37
CA LYS A 106 -12.64 10.90 -1.65
CA LYS A 106 -12.66 10.89 -1.65
C LYS A 106 -13.53 12.13 -1.45
N GLN A 107 -13.31 13.14 -2.32
CA GLN A 107 -14.13 14.32 -2.29
C GLN A 107 -15.57 13.97 -2.63
N ASP A 108 -16.51 14.69 -2.04
CA ASP A 108 -17.92 14.50 -2.42
C ASP A 108 -18.24 15.02 -3.81
N THR A 109 -17.62 16.07 -4.26
CA THR A 109 -18.05 16.81 -5.42
C THR A 109 -17.16 16.58 -6.64
N SER A 110 -16.19 15.67 -6.54
CA SER A 110 -15.41 15.30 -7.72
C SER A 110 -15.03 13.86 -7.56
N PRO A 111 -14.61 13.20 -8.60
CA PRO A 111 -14.16 11.81 -8.41
C PRO A 111 -12.70 11.72 -8.03
N GLN A 112 -12.27 12.56 -7.12
CA GLN A 112 -10.88 12.65 -6.67
C GLN A 112 -10.72 11.86 -5.41
N TYR A 113 -9.98 10.74 -5.56
CA TYR A 113 -9.58 9.92 -4.41
C TYR A 113 -8.08 9.88 -4.26
N TYR A 114 -7.38 10.83 -4.87
CA TYR A 114 -5.98 11.07 -4.56
C TYR A 114 -5.11 9.87 -4.89
N ASP A 115 -5.49 9.08 -5.87
CA ASP A 115 -4.64 7.96 -6.25
C ASP A 115 -3.28 8.40 -6.76
N GLY A 116 -3.18 9.53 -7.39
CA GLY A 116 -1.88 9.98 -7.87
C GLY A 116 -0.88 10.30 -6.78
N ILE A 117 -1.23 11.22 -5.87
N ILE A 117 -1.24 11.20 -5.89
CA ILE A 117 -0.30 11.57 -4.79
CA ILE A 117 -0.28 11.54 -4.86
C ILE A 117 -0.03 10.37 -3.88
C ILE A 117 -0.01 10.35 -3.94
N ILE A 118 -1.05 9.56 -3.63
CA ILE A 118 -0.86 8.41 -2.72
C ILE A 118 0.03 7.36 -3.34
N SER A 119 -0.19 7.03 -4.59
CA SER A 119 0.62 6.01 -5.27
C SER A 119 2.06 6.48 -5.45
N GLU A 120 2.25 7.75 -5.79
CA GLU A 120 3.59 8.31 -5.94
C GLU A 120 4.32 8.32 -4.60
N ALA A 121 3.63 8.65 -3.55
CA ALA A 121 4.27 8.67 -2.21
C ALA A 121 4.73 7.27 -1.82
N ILE A 122 3.91 6.24 -2.06
CA ILE A 122 4.30 4.88 -1.72
C ILE A 122 5.51 4.49 -2.57
N THR A 123 5.44 4.77 -3.89
CA THR A 123 6.54 4.41 -4.78
C THR A 123 7.84 5.05 -4.31
N ASP A 124 7.79 6.35 -3.99
CA ASP A 124 8.98 7.09 -3.59
C ASP A 124 9.52 6.55 -2.29
N ALA A 125 8.64 6.18 -1.35
CA ALA A 125 9.10 5.63 -0.06
C ALA A 125 9.78 4.28 -0.25
N ILE A 126 9.30 3.44 -1.15
CA ILE A 126 9.96 2.19 -1.47
C ILE A 126 11.29 2.44 -2.15
N LEU A 127 11.29 3.25 -3.20
CA LEU A 127 12.48 3.31 -4.08
C LEU A 127 13.56 4.25 -3.58
N SER A 128 13.22 5.18 -2.68
CA SER A 128 14.24 6.06 -2.18
C SER A 128 15.28 5.33 -1.36
N LYS A 129 14.90 4.28 -0.68
CA LYS A 129 15.84 3.53 0.15
C LYS A 129 15.99 2.07 -0.23
N TYR A 130 15.05 1.50 -0.96
CA TYR A 130 15.00 0.06 -1.20
C TYR A 130 14.94 -0.29 -2.68
N ARG A 131 15.47 0.56 -3.58
CA ARG A 131 15.45 0.24 -5.02
C ARG A 131 16.20 -1.03 -5.35
N SER A 132 17.39 -1.25 -4.79
CA SER A 132 18.13 -2.47 -5.07
C SER A 132 17.42 -3.71 -4.54
N TRP A 133 16.82 -3.59 -3.34
CA TRP A 133 15.99 -4.69 -2.80
C TRP A 133 14.87 -5.05 -3.74
N PHE A 134 14.15 -4.06 -4.25
CA PHE A 134 13.01 -4.29 -5.13
C PHE A 134 13.42 -4.95 -6.43
N ILE A 135 14.49 -4.47 -7.04
CA ILE A 135 14.97 -5.10 -8.27
C ILE A 135 15.39 -6.53 -7.98
N ASP A 136 16.03 -6.76 -6.85
CA ASP A 136 16.52 -8.10 -6.52
C ASP A 136 15.41 -9.09 -6.21
N GLN A 137 14.24 -8.60 -5.79
CA GLN A 137 13.02 -9.35 -5.64
C GLN A 137 12.42 -9.72 -6.98
N ASP A 138 13.06 -9.34 -8.08
CA ASP A 138 12.44 -9.38 -9.43
C ASP A 138 11.13 -8.59 -9.43
N TYR A 139 11.23 -7.37 -8.90
CA TYR A 139 10.13 -6.41 -8.84
C TYR A 139 9.01 -7.06 -8.04
N TRP A 140 7.80 -7.13 -8.57
CA TRP A 140 6.63 -7.64 -7.84
C TRP A 140 6.66 -9.16 -7.73
N ASN A 141 7.54 -9.86 -8.44
CA ASN A 141 7.56 -11.31 -8.35
C ASN A 141 7.72 -11.76 -6.91
N GLY A 142 8.48 -11.02 -6.11
CA GLY A 142 8.72 -11.48 -4.75
C GLY A 142 7.49 -11.54 -3.86
N ILE A 143 6.41 -10.86 -4.27
CA ILE A 143 5.17 -10.90 -3.52
C ILE A 143 4.49 -12.25 -3.62
N ARG A 144 4.89 -13.08 -4.62
CA ARG A 144 4.18 -14.33 -4.89
C ARG A 144 4.28 -15.34 -3.75
N ILE A 145 5.18 -15.11 -2.79
CA ILE A 145 5.21 -15.96 -1.60
C ILE A 145 3.93 -15.88 -0.79
N TYR A 146 3.12 -14.86 -1.05
CA TYR A 146 1.82 -14.75 -0.40
C TYR A 146 0.68 -15.19 -1.25
N LYS A 147 0.92 -15.90 -2.36
CA LYS A 147 -0.18 -16.53 -3.08
C LYS A 147 -0.81 -17.60 -2.28
N ASN A 148 -2.14 -17.62 -2.29
CA ASN A 148 -2.72 -18.08 -1.02
C ASN A 148 -1.84 -18.32 0.30
N ILE B 1 -4.78 2.76 22.77
CA ILE B 1 -3.33 2.63 22.57
C ILE B 1 -2.74 4.00 22.96
N SER B 2 -1.56 3.91 23.51
CA SER B 2 -0.90 5.14 23.93
C SER B 2 -0.60 5.99 22.72
N SER B 3 -0.80 7.31 22.88
CA SER B 3 -0.50 8.24 21.81
C SER B 3 1.00 8.32 21.54
N ALA B 4 1.82 7.70 22.39
CA ALA B 4 3.27 7.59 22.13
C ALA B 4 3.64 6.54 21.09
N ILE B 5 2.73 5.68 20.68
CA ILE B 5 3.01 4.66 19.67
C ILE B 5 2.70 5.25 18.29
N GLN B 6 3.73 5.44 17.46
CA GLN B 6 3.49 6.11 16.19
C GLN B 6 2.60 5.25 15.31
N VAL B 7 1.86 5.89 14.42
CA VAL B 7 0.96 5.18 13.53
C VAL B 7 1.70 4.25 12.60
N GLY B 8 2.82 4.68 12.01
CA GLY B 8 3.52 3.77 11.12
C GLY B 8 4.00 2.55 11.84
N HIS B 9 4.38 2.71 13.07
N HIS B 9 4.44 2.70 13.11
CA HIS B 9 4.81 1.56 13.83
CA HIS B 9 4.81 1.61 14.03
C HIS B 9 3.67 0.57 14.02
C HIS B 9 3.67 0.59 14.17
N GLN B 10 2.45 1.07 14.27
CA GLN B 10 1.30 0.19 14.34
C GLN B 10 1.11 -0.58 13.01
N LEU B 11 1.26 0.08 11.87
N LEU B 11 1.25 0.09 11.88
CA LEU B 11 1.11 -0.61 10.60
CA LEU B 11 1.13 -0.58 10.59
C LEU B 11 2.28 -1.57 10.38
C LEU B 11 2.27 -1.56 10.38
N ALA B 12 3.46 -1.25 10.88
CA ALA B 12 4.59 -2.16 10.70
C ALA B 12 4.32 -3.44 11.44
N LEU B 13 3.75 -3.37 12.62
CA LEU B 13 3.38 -4.57 13.37
C LEU B 13 2.34 -5.40 12.63
N ILE B 14 1.32 -4.75 12.04
CA ILE B 14 0.37 -5.49 11.20
C ILE B 14 1.09 -6.19 10.08
N GLY B 15 2.04 -5.53 9.44
CA GLY B 15 2.75 -6.14 8.29
C GLY B 15 3.67 -7.25 8.66
N ASP B 16 4.37 -7.11 9.81
CA ASP B 16 5.22 -8.18 10.24
C ASP B 16 4.40 -9.38 10.72
N GLU B 17 3.23 -9.18 11.36
CA GLU B 17 2.31 -10.27 11.69
C GLU B 17 1.75 -10.95 10.43
N PHE B 18 1.48 -10.16 9.40
CA PHE B 18 0.96 -10.73 8.17
C PHE B 18 1.96 -11.69 7.58
N ASN B 19 3.23 -11.35 7.69
CA ASN B 19 4.23 -12.32 7.24
C ASN B 19 4.15 -13.60 8.01
N ARG B 20 3.98 -13.51 9.34
CA ARG B 20 3.94 -14.74 10.13
C ARG B 20 2.73 -15.57 9.76
N ALA B 21 1.55 -14.94 9.71
CA ALA B 21 0.30 -15.65 9.43
C ALA B 21 0.33 -16.35 8.06
N TYR B 22 1.00 -15.75 7.07
CA TYR B 22 1.14 -16.36 5.73
C TYR B 22 2.52 -16.95 5.43
C1 EDO C . -2.32 13.84 3.73
O1 EDO C . -2.79 12.72 4.44
C2 EDO C . -2.92 15.13 4.16
O2 EDO C . -2.28 15.32 5.47
H11 EDO C . -1.23 13.91 3.86
H12 EDO C . -2.51 13.71 2.67
HO1 EDO C . -2.36 11.92 4.10
H21 EDO C . -2.66 15.94 3.47
H22 EDO C . -4.00 15.05 4.26
HO2 EDO C . -2.59 16.15 5.86
C1 EDO D . -5.25 3.04 16.32
O1 EDO D . -4.26 4.13 16.52
C2 EDO D . -6.04 2.61 17.56
O2 EDO D . -6.17 3.74 18.54
H11 EDO D . -5.96 3.35 15.56
H12 EDO D . -4.73 2.16 15.93
HO1 EDO D . -3.82 4.32 15.68
H21 EDO D . -7.04 2.29 17.25
H22 EDO D . -5.55 1.77 18.03
HO2 EDO D . -6.67 3.45 19.30
C1 EDO E . 3.50 -3.90 -12.83
O1 EDO E . 3.52 -5.24 -13.42
C2 EDO E . 3.85 -2.88 -13.89
O2 EDO E . 2.77 -2.84 -14.87
H11 EDO E . 2.52 -3.67 -12.42
H12 EDO E . 4.24 -3.84 -12.02
HO1 EDO E . 3.30 -5.90 -12.74
H21 EDO E . 3.97 -1.89 -13.44
H22 EDO E . 4.78 -3.16 -14.38
HO2 EDO E . 2.98 -2.20 -15.56
C1 EDO F . -2.91 -17.97 -12.57
O1 EDO F . -3.54 -16.72 -12.29
C2 EDO F . -2.30 -18.54 -11.29
O2 EDO F . -3.21 -18.97 -10.22
H11 EDO F . -3.66 -18.67 -12.96
H12 EDO F . -2.13 -17.84 -13.33
HO1 EDO F . -3.93 -16.36 -13.09
H21 EDO F . -1.68 -19.40 -11.57
H22 EDO F . -1.63 -17.78 -10.88
HO2 EDO F . -2.70 -19.30 -9.47
C1 EDO G . -1.17 16.67 9.20
O1 EDO G . -1.59 17.04 7.87
C2 EDO G . -1.38 17.92 10.06
O2 EDO G . -0.49 19.06 9.63
H11 EDO G . -1.78 15.84 9.58
H12 EDO G . -0.12 16.37 9.20
HO1 EDO G . -1.48 16.28 7.28
H21 EDO G . -2.42 18.23 9.99
H22 EDO G . -1.16 17.68 11.11
HO2 EDO G . -0.66 19.83 10.20
C1 EDO H . -4.35 -15.86 -6.06
O1 EDO H . -4.15 -17.28 -5.75
C2 EDO H . -3.85 -14.80 -5.08
O2 EDO H . -3.39 -15.17 -3.70
H11 EDO H . -3.87 -15.66 -7.02
H12 EDO H . -5.42 -15.70 -6.20
HO1 EDO H . -4.51 -17.82 -6.45
H21 EDO H . -3.03 -14.28 -5.58
H22 EDO H . -4.66 -14.07 -4.97
HO2 EDO H . -3.11 -14.36 -3.23
C1 EDO I . -6.91 15.17 16.07
O1 EDO I . -7.94 14.26 15.76
C2 EDO I . -5.80 14.35 16.54
O2 EDO I . -4.76 14.09 15.55
H11 EDO I . -6.63 15.74 15.18
H12 EDO I . -7.23 15.88 16.85
HO1 EDO I . -8.72 14.75 15.44
H21 EDO I . -5.35 14.85 17.41
H22 EDO I . -6.20 13.40 16.89
HO2 EDO I . -4.07 13.55 15.95
S SO4 J . 5.21 -15.27 -15.21
O1 SO4 J . 4.30 -14.22 -14.83
O2 SO4 J . 4.50 -16.23 -16.12
O3 SO4 J . 6.34 -14.52 -15.82
O4 SO4 J . 5.73 -16.09 -14.11
S SO4 K . -2.63 4.75 -14.46
O1 SO4 K . -2.67 6.15 -14.03
O2 SO4 K . -3.97 4.48 -14.99
O3 SO4 K . -1.60 4.54 -15.48
O4 SO4 K . -2.22 3.92 -13.32
S SO4 L . -19.66 4.39 -16.59
O1 SO4 L . -19.55 5.74 -17.15
O2 SO4 L . -21.09 4.15 -16.74
O3 SO4 L . -18.95 3.39 -17.44
O4 SO4 L . -19.18 4.29 -15.19
S SO4 M . -14.40 -3.74 4.85
O1 SO4 M . -15.50 -3.40 5.76
O2 SO4 M . -14.69 -3.97 3.41
O3 SO4 M . -13.43 -2.68 4.91
O4 SO4 M . -13.84 -4.99 5.34
S SO4 N . 2.65 9.88 15.14
O1 SO4 N . 1.88 11.02 14.64
O2 SO4 N . 2.36 9.48 16.55
O3 SO4 N . 4.05 10.34 15.10
O4 SO4 N . 2.37 8.72 14.24
S SO4 O . -2.56 11.04 -11.77
O1 SO4 O . -3.47 11.93 -11.02
O2 SO4 O . -2.41 11.51 -13.19
O3 SO4 O . -3.19 9.74 -11.69
O4 SO4 O . -1.21 10.99 -11.16
#